data_6YME
#
_entry.id   6YME
#
_cell.length_a   94.383
_cell.length_b   94.383
_cell.length_c   134.466
_cell.angle_alpha   90.000
_cell.angle_beta   90.000
_cell.angle_gamma   120.000
#
_symmetry.space_group_name_H-M   'P 31 2 1'
#
loop_
_entity.id
_entity.type
_entity.pdbx_description
1 polymer 'Serine hydroxymethyltransferase'
2 non-polymer GLYCEROL
3 non-polymer DI(HYDROXYETHYL)ETHER
4 water water
#
_entity_poly.entity_id   1
_entity_poly.type   'polypeptide(L)'
_entity_poly.pdbx_seq_one_letter_code
;MGSSHHHHHHSSGLVPRGSHMTQTNLDFLLQTDPTISGMMQKELQRQREHLELIASENFTSPAVMATQGSVLTNKYAEGL
PKKRYYGGCEFIDEIEQVAIDRAKELFGAASANVQPHSGAQANFAVFLTLLKPGDKIMGMDLSHGGHLTHGSPANVSGKW
FEAVHYGVSQETEQLDYDHILEVARQERPKLIICGYSAYPRIINFEKFRAIADEVGAYLLADIAHIAGLVASGHHPNPVP
HCDVVTTTTH(LLP)TLRGPRGGLILTRDPELGKKFNKSVFPGTQGGPLEHVIAGKAVAFGEALKPEFKAYSGQVIANAQ
AMAQQLQNRGFKIVSGGTDNHLMLVDLRSVNLTGKQADQLVSDVNITANKNTVPFDPESPFVTSGLRLGSPAMTTRGLGT
EDFAEIANIIADRLQNPEDEQVKQACVQRVAALCERFPLYPHLNAPVPAMA
;
_entity_poly.pdbx_strand_id   A
#
# COMPACT_ATOMS: atom_id res chain seq x y z
N THR A 22 -7.18 36.85 10.23
CA THR A 22 -6.41 36.04 11.25
C THR A 22 -5.45 35.08 10.52
N GLN A 23 -4.23 35.00 11.02
CA GLN A 23 -3.15 34.27 10.38
C GLN A 23 -3.42 32.76 10.49
N THR A 24 -3.02 32.04 9.45
CA THR A 24 -3.04 30.59 9.47
C THR A 24 -1.60 30.08 9.65
N ASN A 25 -1.48 28.77 9.93
CA ASN A 25 -0.18 28.15 9.97
C ASN A 25 0.51 28.30 8.60
N LEU A 26 -0.23 28.14 7.54
CA LEU A 26 0.32 28.27 6.20
C LEU A 26 0.87 29.67 5.92
N ASP A 27 0.19 30.71 6.43
CA ASP A 27 0.70 32.09 6.36
C ASP A 27 2.07 32.17 7.05
N PHE A 28 2.19 31.56 8.22
CA PHE A 28 3.46 31.55 8.95
C PHE A 28 4.54 30.88 8.10
N LEU A 29 4.21 29.76 7.45
CA LEU A 29 5.19 29.03 6.65
C LEU A 29 5.70 29.90 5.49
N LEU A 30 4.77 30.58 4.84
CA LEU A 30 5.16 31.47 3.69
C LEU A 30 6.06 32.58 4.20
N GLN A 31 5.69 33.17 5.34
CA GLN A 31 6.46 34.27 5.88
C GLN A 31 7.85 33.83 6.34
N THR A 32 7.99 32.65 6.97
CA THR A 32 9.23 32.35 7.62
C THR A 32 10.10 31.40 6.80
N ASP A 33 9.52 30.67 5.83
CA ASP A 33 10.31 29.71 5.05
C ASP A 33 9.74 29.66 3.63
N PRO A 34 9.90 30.75 2.86
CA PRO A 34 9.37 30.80 1.50
C PRO A 34 9.98 29.71 0.61
N THR A 35 11.20 29.25 0.89
CA THR A 35 11.80 28.19 0.12
C THR A 35 10.95 26.92 0.22
N ILE A 36 10.69 26.48 1.47
CA ILE A 36 9.92 25.28 1.66
C ILE A 36 8.47 25.48 1.22
N SER A 37 7.85 26.64 1.50
CA SER A 37 6.53 26.96 1.08
C SER A 37 6.35 26.79 -0.43
N GLY A 38 7.31 27.31 -1.20
CA GLY A 38 7.31 27.28 -2.67
C GLY A 38 7.45 25.86 -3.18
N MET A 39 8.31 25.06 -2.55
CA MET A 39 8.53 23.67 -2.96
C MET A 39 7.29 22.82 -2.67
N MET A 40 6.59 23.11 -1.57
CA MET A 40 5.34 22.44 -1.30
C MET A 40 4.27 22.76 -2.33
N GLN A 41 4.19 24.00 -2.77
CA GLN A 41 3.24 24.38 -3.81
C GLN A 41 3.56 23.59 -5.09
N LYS A 42 4.85 23.49 -5.43
CA LYS A 42 5.26 22.78 -6.62
C LYS A 42 4.91 21.29 -6.54
N GLU A 43 4.98 20.71 -5.32
CA GLU A 43 4.63 19.29 -5.16
C GLU A 43 3.12 19.11 -5.34
N LEU A 44 2.27 20.06 -4.90
CA LEU A 44 0.85 19.95 -5.15
C LEU A 44 0.62 19.98 -6.65
N GLN A 45 1.29 20.90 -7.33
CA GLN A 45 1.09 20.97 -8.80
C GLN A 45 1.55 19.69 -9.50
N ARG A 46 2.64 19.11 -9.04
CA ARG A 46 3.13 17.84 -9.58
C ARG A 46 2.09 16.73 -9.37
N GLN A 47 1.48 16.63 -8.16
CA GLN A 47 0.45 15.66 -7.91
C GLN A 47 -0.72 15.85 -8.89
N ARG A 48 -1.08 17.10 -9.13
CA ARG A 48 -2.21 17.43 -9.99
C ARG A 48 -1.97 17.03 -11.46
N GLU A 49 -0.72 17.21 -11.95
CA GLU A 49 -0.42 17.20 -13.38
C GLU A 49 0.29 15.94 -13.87
N HIS A 50 0.17 14.84 -13.16
CA HIS A 50 0.63 13.56 -13.70
C HIS A 50 -0.40 12.48 -13.38
N LEU A 51 -0.31 11.36 -14.09
CA LEU A 51 -1.12 10.21 -13.75
C LEU A 51 -0.35 9.37 -12.72
N GLU A 52 -0.92 9.25 -11.52
CA GLU A 52 -0.28 8.49 -10.47
C GLU A 52 -0.76 7.04 -10.54
N LEU A 53 0.06 6.15 -11.08
CA LEU A 53 -0.31 4.75 -11.27
C LEU A 53 0.53 3.85 -10.38
N ILE A 54 1.34 4.41 -9.50
CA ILE A 54 2.03 3.56 -8.54
C ILE A 54 0.98 2.92 -7.64
N ALA A 55 1.03 1.60 -7.55
CA ALA A 55 -0.08 0.86 -6.96
C ALA A 55 -0.22 1.10 -5.44
N SER A 56 0.85 1.56 -4.78
CA SER A 56 0.86 1.82 -3.34
C SER A 56 0.49 3.28 -3.04
N GLU A 57 0.24 4.10 -4.06
CA GLU A 57 -0.02 5.51 -3.82
C GLU A 57 -1.51 5.81 -3.73
N ASN A 58 -1.82 6.92 -3.07
CA ASN A 58 -3.18 7.38 -2.98
C ASN A 58 -3.15 8.87 -2.67
N PHE A 59 -4.34 9.49 -2.60
CA PHE A 59 -4.51 10.86 -2.21
C PHE A 59 -5.40 10.85 -0.98
N THR A 60 -4.82 11.19 0.19
CA THR A 60 -5.58 11.12 1.41
C THR A 60 -6.46 12.38 1.51
N SER A 61 -7.44 12.36 2.42
CA SER A 61 -8.44 13.42 2.44
C SER A 61 -7.91 14.70 3.05
N PRO A 62 -8.54 15.83 2.68
CA PRO A 62 -8.35 17.08 3.41
C PRO A 62 -8.45 16.87 4.93
N ALA A 63 -9.44 16.14 5.40
CA ALA A 63 -9.64 15.96 6.83
C ALA A 63 -8.42 15.26 7.45
N VAL A 64 -7.92 14.21 6.80
CA VAL A 64 -6.71 13.54 7.27
C VAL A 64 -5.54 14.55 7.35
N MET A 65 -5.35 15.36 6.30
CA MET A 65 -4.23 16.26 6.28
C MET A 65 -4.34 17.30 7.42
N ALA A 66 -5.56 17.71 7.72
CA ALA A 66 -5.81 18.65 8.79
C ALA A 66 -5.36 18.07 10.12
N THR A 67 -5.61 16.78 10.39
CA THR A 67 -5.17 16.21 11.63
C THR A 67 -3.64 16.21 11.71
N GLN A 68 -2.97 15.94 10.57
CA GLN A 68 -1.51 15.82 10.57
C GLN A 68 -0.88 17.18 10.79
N GLY A 69 -1.58 18.26 10.43
CA GLY A 69 -1.14 19.64 10.64
C GLY A 69 -1.49 20.22 12.01
N SER A 70 -1.94 19.36 12.92
CA SER A 70 -2.53 19.83 14.20
C SER A 70 -1.45 19.97 15.28
N VAL A 71 -1.87 20.51 16.45
CA VAL A 71 -1.02 20.62 17.63
C VAL A 71 -0.77 19.27 18.30
N LEU A 72 -1.37 18.17 17.81
CA LEU A 72 -1.17 16.86 18.38
CA LEU A 72 -1.15 16.86 18.42
C LEU A 72 0.29 16.40 18.24
N THR A 73 1.03 17.04 17.31
CA THR A 73 2.46 16.78 17.18
C THR A 73 3.18 17.04 18.50
N ASN A 74 2.65 17.98 19.34
CA ASN A 74 3.32 18.33 20.55
C ASN A 74 3.13 17.34 21.72
N LYS A 75 2.27 16.35 21.62
CA LYS A 75 2.06 15.46 22.89
C LYS A 75 2.91 14.18 22.91
N TYR A 76 3.68 13.91 24.00
CA TYR A 76 4.42 12.63 24.26
C TYR A 76 3.38 11.73 24.92
N ALA A 77 3.15 10.53 24.40
CA ALA A 77 2.11 9.72 24.90
C ALA A 77 2.57 8.25 24.90
N GLU A 78 3.80 8.04 25.38
CA GLU A 78 4.31 6.63 25.52
C GLU A 78 3.34 5.83 26.41
N GLY A 79 3.10 4.57 26.02
CA GLY A 79 2.16 3.69 26.74
C GLY A 79 0.94 3.45 25.86
N LEU A 80 -0.22 3.25 26.49
CA LEU A 80 -1.49 3.04 25.80
C LEU A 80 -2.55 3.91 26.46
N PRO A 81 -3.73 4.13 25.81
CA PRO A 81 -4.80 4.94 26.40
C PRO A 81 -5.03 4.49 27.86
N LYS A 82 -5.06 5.45 28.78
CA LYS A 82 -5.29 5.25 30.23
C LYS A 82 -4.18 4.44 30.92
N LYS A 83 -3.09 4.11 30.18
CA LYS A 83 -1.91 3.43 30.77
C LYS A 83 -0.65 4.03 30.16
N ARG A 84 -0.52 5.33 30.39
CA ARG A 84 0.58 6.11 29.86
C ARG A 84 1.68 6.26 30.92
N TYR A 85 2.92 6.48 30.44
CA TYR A 85 4.03 6.79 31.34
C TYR A 85 3.80 8.17 31.98
N TYR A 86 3.14 9.06 31.23
CA TYR A 86 3.00 10.48 31.54
C TYR A 86 1.54 10.90 31.72
N GLY A 87 1.36 11.96 32.52
CA GLY A 87 0.10 12.68 32.56
C GLY A 87 -0.13 13.56 31.31
N GLY A 88 -1.31 14.19 31.31
CA GLY A 88 -1.71 15.12 30.30
C GLY A 88 -2.33 14.44 29.07
N CYS A 89 -2.54 13.12 29.08
CA CYS A 89 -3.00 12.42 27.82
C CYS A 89 -4.53 12.26 27.76
N GLU A 90 -5.31 13.01 28.55
CA GLU A 90 -6.78 12.87 28.53
C GLU A 90 -7.31 12.80 27.08
N PHE A 91 -6.88 13.77 26.27
CA PHE A 91 -7.48 14.00 24.93
C PHE A 91 -6.74 13.14 23.89
N ILE A 92 -5.46 12.91 24.12
CA ILE A 92 -4.69 12.01 23.23
C ILE A 92 -5.27 10.62 23.37
N ASP A 93 -5.60 10.23 24.64
CA ASP A 93 -6.19 8.94 24.91
C ASP A 93 -7.51 8.84 24.21
N GLU A 94 -8.35 9.88 24.31
CA GLU A 94 -9.59 9.78 23.68
C GLU A 94 -9.36 9.56 22.19
N ILE A 95 -8.48 10.36 21.58
CA ILE A 95 -8.29 10.25 20.10
C ILE A 95 -7.71 8.88 19.74
N GLU A 96 -6.67 8.46 20.45
CA GLU A 96 -6.10 7.13 20.18
C GLU A 96 -7.14 6.03 20.37
N GLN A 97 -7.99 6.14 21.39
CA GLN A 97 -8.99 5.11 21.60
C GLN A 97 -10.06 5.13 20.48
N VAL A 98 -10.42 6.32 19.96
CA VAL A 98 -11.28 6.34 18.80
C VAL A 98 -10.61 5.64 17.63
N ALA A 99 -9.32 5.86 17.41
CA ALA A 99 -8.61 5.20 16.31
C ALA A 99 -8.68 3.67 16.48
N ILE A 100 -8.36 3.23 17.70
CA ILE A 100 -8.40 1.81 18.02
C ILE A 100 -9.80 1.24 17.77
N ASP A 101 -10.82 1.89 18.34
CA ASP A 101 -12.18 1.40 18.29
C ASP A 101 -12.68 1.33 16.84
N ARG A 102 -12.34 2.36 16.02
CA ARG A 102 -12.75 2.36 14.62
C ARG A 102 -11.99 1.28 13.85
N ALA A 103 -10.72 1.04 14.21
CA ALA A 103 -9.99 -0.02 13.54
C ALA A 103 -10.61 -1.39 13.87
N LYS A 104 -10.95 -1.63 15.13
CA LYS A 104 -11.56 -2.87 15.56
C LYS A 104 -12.91 -3.06 14.85
N GLU A 105 -13.69 -2.00 14.68
CA GLU A 105 -14.92 -2.05 13.97
C GLU A 105 -14.67 -2.39 12.51
N LEU A 106 -13.81 -1.57 11.90
CA LEU A 106 -13.56 -1.71 10.44
C LEU A 106 -13.09 -3.10 10.06
N PHE A 107 -12.19 -3.72 10.84
CA PHE A 107 -11.54 -4.95 10.46
C PHE A 107 -12.11 -6.14 11.25
N GLY A 108 -13.16 -5.90 12.04
CA GLY A 108 -13.74 -6.99 12.89
C GLY A 108 -12.71 -7.64 13.78
N ALA A 109 -11.93 -6.82 14.48
CA ALA A 109 -10.77 -7.28 15.22
C ALA A 109 -10.98 -7.08 16.71
N ALA A 110 -10.49 -8.05 17.50
CA ALA A 110 -10.56 -7.98 18.98
C ALA A 110 -9.51 -7.02 19.54
N SER A 111 -8.46 -6.71 18.76
CA SER A 111 -7.36 -5.93 19.24
C SER A 111 -6.76 -5.14 18.06
N ALA A 112 -6.41 -3.91 18.33
CA ALA A 112 -5.76 -3.05 17.34
C ALA A 112 -4.71 -2.20 18.06
N ASN A 113 -3.50 -2.08 17.48
CA ASN A 113 -2.55 -1.14 17.93
C ASN A 113 -2.29 -0.16 16.77
N VAL A 114 -2.59 1.11 17.01
CA VAL A 114 -2.52 2.16 15.99
C VAL A 114 -1.25 2.99 16.10
N GLN A 115 -0.30 2.58 16.94
CA GLN A 115 0.92 3.35 17.15
C GLN A 115 2.03 3.11 16.13
N PRO A 116 2.12 1.99 15.38
CA PRO A 116 3.31 1.79 14.55
C PRO A 116 3.50 2.96 13.57
N HIS A 117 4.72 3.43 13.48
CA HIS A 117 5.04 4.60 12.61
C HIS A 117 4.89 4.26 11.12
N SER A 118 4.89 2.97 10.78
CA SER A 118 4.94 2.54 9.39
C SER A 118 4.54 1.07 9.34
N GLY A 119 4.35 0.55 8.13
CA GLY A 119 4.13 -0.87 7.99
C GLY A 119 5.37 -1.66 8.35
N ALA A 120 6.56 -1.14 8.04
CA ALA A 120 7.79 -1.82 8.43
C ALA A 120 7.90 -1.98 9.95
N GLN A 121 7.57 -0.91 10.68
CA GLN A 121 7.65 -0.94 12.12
C GLN A 121 6.57 -1.85 12.71
N ALA A 122 5.37 -1.90 12.08
CA ALA A 122 4.35 -2.85 12.49
C ALA A 122 4.85 -4.27 12.36
N ASN A 123 5.45 -4.59 11.23
CA ASN A 123 5.99 -5.93 11.03
C ASN A 123 7.11 -6.18 12.05
N PHE A 124 7.95 -5.17 12.29
CA PHE A 124 9.11 -5.41 13.16
C PHE A 124 8.63 -5.76 14.56
N ALA A 125 7.62 -5.03 15.03
CA ALA A 125 7.06 -5.29 16.36
C ALA A 125 6.50 -6.71 16.44
N VAL A 126 5.88 -7.21 15.36
CA VAL A 126 5.40 -8.59 15.35
C VAL A 126 6.59 -9.55 15.46
N PHE A 127 7.65 -9.33 14.66
CA PHE A 127 8.83 -10.21 14.75
C PHE A 127 9.42 -10.21 16.17
N LEU A 128 9.49 -9.03 16.80
CA LEU A 128 10.04 -8.90 18.14
C LEU A 128 9.21 -9.73 19.13
N THR A 129 7.91 -9.84 18.89
CA THR A 129 7.00 -10.58 19.78
C THR A 129 7.18 -12.10 19.60
N LEU A 130 7.23 -12.54 18.35
CA LEU A 130 7.04 -13.94 18.02
C LEU A 130 8.37 -14.65 17.84
N LEU A 131 9.43 -13.92 17.48
CA LEU A 131 10.65 -14.55 17.00
C LEU A 131 11.86 -14.16 17.87
N LYS A 132 12.96 -14.86 17.68
CA LYS A 132 14.22 -14.39 18.12
C LYS A 132 15.17 -14.39 16.95
N PRO A 133 16.31 -13.63 16.98
CA PRO A 133 17.23 -13.60 15.86
C PRO A 133 17.66 -15.02 15.50
N GLY A 134 17.75 -15.27 14.19
CA GLY A 134 18.09 -16.57 13.66
C GLY A 134 16.90 -17.45 13.36
N ASP A 135 15.72 -17.16 13.91
CA ASP A 135 14.52 -17.93 13.58
C ASP A 135 14.20 -17.85 12.07
N LYS A 136 13.50 -18.89 11.59
CA LYS A 136 13.20 -19.02 10.17
C LYS A 136 11.82 -18.43 9.85
N ILE A 137 11.77 -17.56 8.83
CA ILE A 137 10.50 -16.98 8.39
C ILE A 137 10.30 -17.43 6.94
N MET A 138 9.05 -17.56 6.52
CA MET A 138 8.76 -17.94 5.16
C MET A 138 7.72 -16.98 4.60
N GLY A 139 8.08 -16.28 3.52
CA GLY A 139 7.19 -15.37 2.89
C GLY A 139 7.27 -15.49 1.37
N MET A 140 6.49 -14.68 0.66
CA MET A 140 6.56 -14.75 -0.81
C MET A 140 7.93 -14.24 -1.29
N ASP A 141 8.46 -14.96 -2.29
CA ASP A 141 9.70 -14.61 -2.98
C ASP A 141 9.61 -13.14 -3.33
N LEU A 142 10.69 -12.38 -3.12
CA LEU A 142 10.62 -10.94 -3.29
C LEU A 142 10.49 -10.59 -4.79
N SER A 143 10.86 -11.51 -5.67
CA SER A 143 10.72 -11.28 -7.10
C SER A 143 9.32 -11.75 -7.57
N HIS A 144 8.55 -12.44 -6.71
CA HIS A 144 7.19 -12.81 -7.09
C HIS A 144 6.15 -11.97 -6.33
N GLY A 145 6.55 -10.85 -5.67
CA GLY A 145 5.56 -9.98 -5.04
C GLY A 145 5.67 -9.93 -3.52
N GLY A 146 6.70 -10.55 -2.94
CA GLY A 146 6.96 -10.44 -1.51
C GLY A 146 7.55 -9.08 -1.17
N HIS A 147 7.48 -8.66 0.09
CA HIS A 147 7.95 -7.33 0.49
C HIS A 147 9.37 -7.43 1.02
N LEU A 148 10.11 -6.30 0.93
CA LEU A 148 11.47 -6.18 1.57
C LEU A 148 11.44 -6.71 3.02
N THR A 149 10.38 -6.35 3.78
CA THR A 149 10.31 -6.66 5.19
C THR A 149 9.91 -8.12 5.44
N HIS A 150 9.77 -8.91 4.38
CA HIS A 150 9.43 -10.34 4.54
C HIS A 150 10.65 -11.22 4.23
N GLY A 151 11.86 -10.69 4.43
CA GLY A 151 13.05 -11.49 4.38
C GLY A 151 14.10 -11.06 3.35
N SER A 152 14.06 -9.82 2.86
CA SER A 152 15.16 -9.32 1.99
C SER A 152 16.48 -9.34 2.75
N PRO A 153 17.59 -9.76 2.12
CA PRO A 153 18.89 -9.72 2.79
C PRO A 153 19.38 -8.30 3.09
N ALA A 154 18.77 -7.27 2.47
CA ALA A 154 19.16 -5.87 2.69
C ALA A 154 18.28 -5.27 3.80
N ASN A 155 17.30 -6.02 4.28
CA ASN A 155 16.39 -5.56 5.35
C ASN A 155 16.68 -6.37 6.62
N VAL A 156 16.31 -5.82 7.78
CA VAL A 156 16.54 -6.54 9.03
C VAL A 156 15.91 -7.95 8.98
N SER A 157 14.76 -8.07 8.31
CA SER A 157 13.99 -9.35 8.25
C SER A 157 14.83 -10.48 7.61
N GLY A 158 15.71 -10.15 6.66
CA GLY A 158 16.61 -11.16 6.11
C GLY A 158 18.01 -11.14 6.69
N LYS A 159 18.42 -10.07 7.32
CA LYS A 159 19.75 -9.97 7.85
C LYS A 159 19.81 -10.71 9.18
N TRP A 160 18.77 -10.57 10.01
CA TRP A 160 18.85 -11.15 11.35
C TRP A 160 17.96 -12.37 11.54
N PHE A 161 17.26 -12.79 10.48
CA PHE A 161 16.42 -13.98 10.52
C PHE A 161 16.77 -14.80 9.29
N GLU A 162 16.43 -16.09 9.33
CA GLU A 162 16.66 -16.96 8.17
C GLU A 162 15.41 -16.93 7.30
N ALA A 163 15.48 -16.23 6.18
CA ALA A 163 14.33 -16.09 5.33
C ALA A 163 14.34 -17.19 4.27
N VAL A 164 13.23 -17.92 4.16
CA VAL A 164 12.93 -18.75 3.02
C VAL A 164 11.63 -18.27 2.35
N HIS A 165 11.41 -18.76 1.12
CA HIS A 165 10.44 -18.17 0.22
C HIS A 165 9.59 -19.22 -0.46
N TYR A 166 8.34 -18.85 -0.77
CA TYR A 166 7.54 -19.56 -1.73
C TYR A 166 7.23 -18.58 -2.86
N GLY A 167 6.90 -19.12 -4.02
CA GLY A 167 6.58 -18.27 -5.19
C GLY A 167 5.25 -18.70 -5.76
N VAL A 168 4.92 -18.21 -6.96
CA VAL A 168 3.71 -18.63 -7.64
C VAL A 168 4.03 -19.78 -8.61
N SER A 169 2.98 -20.44 -9.07
CA SER A 169 3.07 -21.51 -10.05
C SER A 169 3.53 -20.93 -11.40
N GLN A 170 4.53 -21.57 -12.05
CA GLN A 170 5.01 -21.06 -13.33
C GLN A 170 3.88 -21.16 -14.35
N GLU A 171 2.98 -22.13 -14.16
CA GLU A 171 1.87 -22.34 -15.06
C GLU A 171 0.75 -21.30 -14.88
N THR A 172 0.25 -21.10 -13.66
CA THR A 172 -0.93 -20.26 -13.42
C THR A 172 -0.56 -18.82 -13.07
N GLU A 173 0.71 -18.63 -12.65
CA GLU A 173 1.27 -17.38 -12.14
C GLU A 173 0.47 -16.91 -10.94
N GLN A 174 -0.15 -17.85 -10.23
CA GLN A 174 -0.67 -17.52 -8.94
C GLN A 174 -0.32 -18.60 -7.94
N LEU A 175 -0.67 -18.35 -6.67
CA LEU A 175 -0.28 -19.30 -5.61
C LEU A 175 -0.89 -20.67 -5.87
N ASP A 176 -0.07 -21.68 -5.57
CA ASP A 176 -0.49 -23.06 -5.53
C ASP A 176 -0.32 -23.51 -4.08
N TYR A 177 -1.43 -23.65 -3.39
CA TYR A 177 -1.40 -23.87 -1.96
C TYR A 177 -0.82 -25.26 -1.64
N ASP A 178 -0.95 -26.21 -2.56
CA ASP A 178 -0.36 -27.55 -2.30
C ASP A 178 1.16 -27.43 -2.33
N HIS A 179 1.67 -26.59 -3.24
CA HIS A 179 3.10 -26.37 -3.32
C HIS A 179 3.61 -25.60 -2.09
N ILE A 180 2.87 -24.57 -1.65
CA ILE A 180 3.24 -23.84 -0.43
C ILE A 180 3.36 -24.82 0.75
N LEU A 181 2.37 -25.70 0.89
CA LEU A 181 2.38 -26.69 2.00
C LEU A 181 3.65 -27.56 1.95
N GLU A 182 4.04 -27.97 0.76
CA GLU A 182 5.23 -28.80 0.58
C GLU A 182 6.47 -28.01 1.01
N VAL A 183 6.55 -26.73 0.61
CA VAL A 183 7.71 -25.90 1.00
C VAL A 183 7.73 -25.75 2.52
N ALA A 184 6.56 -25.50 3.11
CA ALA A 184 6.47 -25.29 4.53
C ALA A 184 6.90 -26.57 5.29
N ARG A 185 6.47 -27.72 4.78
CA ARG A 185 6.81 -29.02 5.40
C ARG A 185 8.33 -29.22 5.34
N GLN A 186 8.95 -28.88 4.20
CA GLN A 186 10.38 -29.02 4.05
C GLN A 186 11.15 -28.02 4.93
N GLU A 187 10.70 -26.76 4.98
CA GLU A 187 11.52 -25.70 5.64
C GLU A 187 11.23 -25.59 7.13
N ARG A 188 10.02 -25.92 7.55
CA ARG A 188 9.62 -25.81 8.95
C ARG A 188 9.88 -24.42 9.49
N PRO A 189 9.25 -23.38 8.91
CA PRO A 189 9.39 -22.02 9.43
C PRO A 189 8.70 -21.81 10.78
N LYS A 190 9.17 -20.82 11.55
CA LYS A 190 8.54 -20.46 12.75
C LYS A 190 7.36 -19.52 12.47
N LEU A 191 7.49 -18.73 11.39
CA LEU A 191 6.47 -17.75 11.00
C LEU A 191 6.28 -17.87 9.48
N ILE A 192 5.01 -17.96 9.07
CA ILE A 192 4.66 -17.84 7.70
C ILE A 192 4.00 -16.49 7.52
N ILE A 193 4.42 -15.82 6.46
CA ILE A 193 3.86 -14.48 6.07
C ILE A 193 3.14 -14.63 4.74
N CYS A 194 1.92 -14.13 4.71
CA CYS A 194 1.20 -13.96 3.46
C CYS A 194 0.81 -12.49 3.37
N GLY A 195 0.39 -12.08 2.18
CA GLY A 195 0.18 -10.67 1.89
C GLY A 195 1.42 -10.13 1.20
N TYR A 196 1.21 -9.36 0.12
CA TYR A 196 2.24 -9.12 -0.82
C TYR A 196 2.17 -7.70 -1.37
N SER A 197 3.17 -7.30 -2.14
CA SER A 197 3.14 -5.94 -2.68
C SER A 197 2.93 -5.97 -4.21
N ALA A 198 2.92 -7.16 -4.83
CA ALA A 198 2.68 -7.19 -6.23
C ALA A 198 1.95 -8.48 -6.59
N TYR A 199 0.91 -8.84 -5.84
CA TYR A 199 0.20 -10.06 -6.13
C TYR A 199 -1.23 -9.69 -6.51
N PRO A 200 -1.69 -10.01 -7.76
CA PRO A 200 -2.97 -9.51 -8.28
C PRO A 200 -4.20 -10.39 -8.02
N ARG A 201 -4.09 -11.47 -7.26
CA ARG A 201 -5.22 -12.36 -7.05
C ARG A 201 -5.58 -12.42 -5.56
N ILE A 202 -6.79 -12.92 -5.30
CA ILE A 202 -7.30 -13.10 -3.95
C ILE A 202 -6.39 -14.09 -3.22
N ILE A 203 -6.10 -13.79 -1.95
CA ILE A 203 -5.35 -14.65 -1.09
C ILE A 203 -6.35 -15.45 -0.25
N ASN A 204 -6.09 -16.75 -0.15
CA ASN A 204 -6.91 -17.66 0.65
C ASN A 204 -6.29 -17.83 2.03
N PHE A 205 -6.79 -17.06 2.98
CA PHE A 205 -6.25 -17.05 4.32
C PHE A 205 -6.59 -18.36 5.05
N GLU A 206 -7.75 -18.95 4.73
CA GLU A 206 -8.10 -20.27 5.34
C GLU A 206 -7.10 -21.34 4.95
N LYS A 207 -6.61 -21.32 3.70
CA LYS A 207 -5.61 -22.29 3.29
C LYS A 207 -4.28 -22.01 3.99
N PHE A 208 -3.92 -20.72 4.12
CA PHE A 208 -2.71 -20.40 4.89
C PHE A 208 -2.82 -20.89 6.34
N ARG A 209 -3.98 -20.75 6.97
CA ARG A 209 -4.17 -21.25 8.35
C ARG A 209 -3.94 -22.77 8.41
N ALA A 210 -4.47 -23.48 7.42
CA ALA A 210 -4.33 -24.95 7.38
C ALA A 210 -2.85 -25.33 7.23
N ILE A 211 -2.13 -24.57 6.42
CA ILE A 211 -0.75 -24.84 6.24
C ILE A 211 0.04 -24.55 7.52
N ALA A 212 -0.19 -23.39 8.13
CA ALA A 212 0.52 -23.02 9.33
C ALA A 212 0.25 -24.03 10.45
N ASP A 213 -1.00 -24.46 10.60
CA ASP A 213 -1.36 -25.43 11.62
C ASP A 213 -0.62 -26.76 11.36
N GLU A 214 -0.51 -27.14 10.10
CA GLU A 214 0.14 -28.43 9.78
C GLU A 214 1.62 -28.42 10.19
N VAL A 215 2.30 -27.27 10.08
CA VAL A 215 3.72 -27.28 10.39
C VAL A 215 4.04 -26.60 11.73
N GLY A 216 3.02 -26.18 12.46
CA GLY A 216 3.15 -25.50 13.78
C GLY A 216 3.78 -24.11 13.68
N ALA A 217 3.48 -23.38 12.60
CA ALA A 217 4.04 -22.02 12.41
C ALA A 217 3.00 -20.97 12.84
N TYR A 218 3.52 -19.81 13.27
CA TYR A 218 2.71 -18.62 13.40
C TYR A 218 2.32 -18.16 12.01
N LEU A 219 1.24 -17.38 11.93
CA LEU A 219 0.74 -16.93 10.65
C LEU A 219 0.44 -15.43 10.72
N LEU A 220 1.15 -14.67 9.88
CA LEU A 220 1.00 -13.21 9.75
C LEU A 220 0.45 -12.91 8.36
N ALA A 221 -0.62 -12.11 8.28
CA ALA A 221 -1.05 -11.55 7.03
C ALA A 221 -0.68 -10.06 7.02
N ASP A 222 0.16 -9.66 6.05
CA ASP A 222 0.54 -8.32 5.88
C ASP A 222 -0.26 -7.78 4.71
N ILE A 223 -1.35 -7.09 5.00
CA ILE A 223 -2.33 -6.73 3.97
C ILE A 223 -2.18 -5.26 3.58
N ALA A 224 -1.00 -4.67 3.79
CA ALA A 224 -0.73 -3.26 3.46
C ALA A 224 -1.36 -2.83 2.11
N HIS A 225 -1.09 -3.58 1.06
CA HIS A 225 -1.57 -3.13 -0.27
C HIS A 225 -3.09 -3.20 -0.40
N ILE A 226 -3.69 -4.23 0.24
CA ILE A 226 -5.08 -4.54 0.00
C ILE A 226 -5.98 -4.16 1.16
N ALA A 227 -5.49 -3.41 2.15
CA ALA A 227 -6.28 -3.21 3.35
C ALA A 227 -7.58 -2.48 3.10
N GLY A 228 -7.62 -1.55 2.15
CA GLY A 228 -8.88 -0.88 1.86
C GLY A 228 -9.91 -1.83 1.25
N LEU A 229 -9.45 -2.79 0.46
CA LEU A 229 -10.32 -3.80 -0.16
C LEU A 229 -10.83 -4.77 0.91
N VAL A 230 -9.95 -5.11 1.88
CA VAL A 230 -10.40 -5.90 3.03
C VAL A 230 -11.47 -5.13 3.78
N ALA A 231 -11.18 -3.85 4.05
CA ALA A 231 -12.07 -3.02 4.85
C ALA A 231 -13.45 -2.86 4.20
N SER A 232 -13.51 -2.85 2.86
CA SER A 232 -14.75 -2.63 2.16
C SER A 232 -15.51 -3.94 1.87
N GLY A 233 -14.90 -5.08 2.16
CA GLY A 233 -15.47 -6.40 1.89
C GLY A 233 -15.21 -6.91 0.49
N HIS A 234 -14.33 -6.24 -0.29
CA HIS A 234 -14.00 -6.64 -1.65
C HIS A 234 -12.85 -7.64 -1.69
N HIS A 235 -12.24 -7.92 -0.54
CA HIS A 235 -11.29 -9.00 -0.40
C HIS A 235 -11.61 -9.68 0.91
N PRO A 236 -11.43 -10.99 1.02
CA PRO A 236 -11.63 -11.67 2.31
C PRO A 236 -10.72 -11.11 3.39
N ASN A 237 -11.23 -11.14 4.65
CA ASN A 237 -10.56 -10.58 5.75
C ASN A 237 -9.70 -11.64 6.42
N PRO A 238 -8.39 -11.42 6.63
CA PRO A 238 -7.54 -12.39 7.33
C PRO A 238 -7.74 -12.48 8.83
N VAL A 239 -8.34 -11.43 9.41
CA VAL A 239 -8.33 -11.29 10.86
C VAL A 239 -8.85 -12.55 11.57
N PRO A 240 -9.98 -13.17 11.21
CA PRO A 240 -10.46 -14.33 11.99
C PRO A 240 -9.58 -15.58 11.87
N HIS A 241 -8.69 -15.62 10.87
CA HIS A 241 -7.94 -16.82 10.51
C HIS A 241 -6.48 -16.76 10.92
N CYS A 242 -5.87 -15.57 10.88
CA CYS A 242 -4.43 -15.46 11.12
C CYS A 242 -4.17 -15.18 12.60
N ASP A 243 -2.94 -15.39 13.04
CA ASP A 243 -2.56 -15.02 14.38
C ASP A 243 -2.50 -13.50 14.51
N VAL A 244 -2.11 -12.81 13.42
CA VAL A 244 -1.88 -11.40 13.47
C VAL A 244 -1.94 -10.86 12.05
N VAL A 245 -2.35 -9.60 11.95
CA VAL A 245 -2.54 -8.95 10.68
C VAL A 245 -1.86 -7.59 10.81
N THR A 246 -0.95 -7.28 9.89
CA THR A 246 -0.35 -5.94 9.83
C THR A 246 -0.80 -5.21 8.58
N THR A 247 -0.75 -3.89 8.65
CA THR A 247 -1.02 -3.10 7.46
C THR A 247 -0.45 -1.69 7.64
N THR A 248 -0.33 -0.99 6.51
CA THR A 248 -0.18 0.41 6.46
C THR A 248 -1.57 1.03 6.55
N THR A 249 -1.63 2.29 6.93
CA THR A 249 -2.85 3.03 6.97
C THR A 249 -3.02 3.84 5.67
N HIS A 250 -1.97 3.96 4.87
CA HIS A 250 -2.02 4.56 3.55
C HIS A 250 -2.31 3.44 2.54
N THR A 252 -4.41 1.45 -0.22
CA THR A 252 -5.82 1.36 -0.60
C THR A 252 -6.72 1.86 0.55
N LEU A 253 -6.23 1.83 1.81
CA LEU A 253 -7.00 2.36 2.90
C LEU A 253 -7.07 3.88 2.91
N ARG A 254 -6.19 4.54 2.14
CA ARG A 254 -6.27 5.94 1.85
C ARG A 254 -6.14 6.86 3.08
N GLY A 255 -5.39 6.42 4.09
CA GLY A 255 -5.18 7.17 5.26
C GLY A 255 -3.80 7.84 5.24
N PRO A 256 -3.35 8.32 6.40
CA PRO A 256 -2.03 8.92 6.54
C PRO A 256 -1.02 7.79 6.49
N ARG A 257 0.23 8.17 6.30
CA ARG A 257 1.35 7.20 6.26
C ARG A 257 1.55 6.70 7.68
N GLY A 258 1.51 5.39 7.89
CA GLY A 258 1.63 4.82 9.22
C GLY A 258 1.30 3.37 9.20
N GLY A 259 1.44 2.68 10.34
CA GLY A 259 1.11 1.30 10.39
C GLY A 259 0.05 0.96 11.42
N LEU A 260 -0.28 -0.32 11.47
CA LEU A 260 -1.41 -0.84 12.25
C LEU A 260 -1.16 -2.33 12.47
N ILE A 261 -1.44 -2.81 13.69
CA ILE A 261 -1.38 -4.22 14.03
C ILE A 261 -2.78 -4.62 14.50
N LEU A 262 -3.33 -5.70 13.94
CA LEU A 262 -4.65 -6.21 14.34
C LEU A 262 -4.45 -7.64 14.79
N THR A 263 -5.29 -8.10 15.71
CA THR A 263 -5.28 -9.53 15.96
C THR A 263 -6.64 -9.94 16.52
N ARG A 264 -7.02 -11.16 16.18
CA ARG A 264 -8.20 -11.82 16.74
C ARG A 264 -8.00 -12.20 18.21
N ASP A 265 -6.77 -12.25 18.67
CA ASP A 265 -6.45 -12.75 20.01
C ASP A 265 -6.05 -11.60 20.92
N PRO A 266 -6.92 -11.17 21.83
CA PRO A 266 -6.67 -9.94 22.57
C PRO A 266 -5.53 -10.07 23.56
N GLU A 267 -5.26 -11.28 24.04
CA GLU A 267 -4.13 -11.47 24.92
C GLU A 267 -2.84 -11.33 24.13
N LEU A 268 -2.78 -11.96 22.96
CA LEU A 268 -1.64 -11.76 22.06
C LEU A 268 -1.52 -10.29 21.69
N GLY A 269 -2.65 -9.60 21.48
CA GLY A 269 -2.67 -8.16 21.23
C GLY A 269 -1.90 -7.36 22.25
N LYS A 270 -2.01 -7.75 23.55
CA LYS A 270 -1.26 -7.08 24.61
C LYS A 270 0.23 -7.29 24.46
N LYS A 271 0.64 -8.45 23.95
CA LYS A 271 2.03 -8.68 23.73
C LYS A 271 2.55 -7.81 22.58
N PHE A 272 1.75 -7.71 21.52
CA PHE A 272 2.13 -6.83 20.42
C PHE A 272 2.22 -5.39 20.92
N ASN A 273 1.33 -4.93 21.81
CA ASN A 273 1.37 -3.61 22.33
C ASN A 273 2.76 -3.30 22.93
N LYS A 274 3.23 -4.22 23.77
CA LYS A 274 4.50 -4.02 24.48
C LYS A 274 5.68 -4.07 23.50
N SER A 275 5.53 -4.79 22.40
CA SER A 275 6.56 -4.84 21.40
C SER A 275 6.63 -3.53 20.59
N VAL A 276 5.50 -2.84 20.43
CA VAL A 276 5.51 -1.56 19.78
C VAL A 276 6.16 -0.54 20.71
N PHE A 277 5.64 -0.43 21.94
CA PHE A 277 6.25 0.35 22.94
C PHE A 277 6.18 -0.39 24.27
N PRO A 278 7.32 -0.58 24.95
CA PRO A 278 8.60 0.01 24.63
C PRO A 278 9.54 -0.82 23.75
N GLY A 279 9.01 -1.82 23.06
CA GLY A 279 9.85 -2.75 22.39
C GLY A 279 10.62 -2.16 21.23
N THR A 280 9.97 -1.33 20.42
CA THR A 280 10.40 -0.99 19.03
C THR A 280 10.49 0.52 18.87
N GLN A 281 9.53 1.22 19.47
CA GLN A 281 9.34 2.66 19.31
C GLN A 281 9.39 3.37 20.65
N GLY A 282 9.58 4.70 20.57
CA GLY A 282 9.30 5.59 21.68
C GLY A 282 7.89 6.15 21.61
N GLY A 283 7.77 7.47 21.65
CA GLY A 283 6.51 8.09 21.65
C GLY A 283 5.82 7.91 20.29
N PRO A 284 4.50 7.73 20.25
CA PRO A 284 3.77 7.65 18.98
C PRO A 284 3.54 9.03 18.36
N LEU A 285 3.18 9.06 17.08
CA LEU A 285 2.84 10.28 16.41
C LEU A 285 1.34 10.51 16.56
N GLU A 286 0.91 11.27 17.60
CA GLU A 286 -0.50 11.35 17.91
C GLU A 286 -1.29 12.13 16.84
N HIS A 287 -0.63 13.04 16.14
CA HIS A 287 -1.28 13.78 15.02
C HIS A 287 -1.58 12.79 13.89
N VAL A 288 -0.65 11.87 13.59
CA VAL A 288 -0.88 10.85 12.58
C VAL A 288 -1.98 9.90 13.05
N ILE A 289 -2.00 9.55 14.35
CA ILE A 289 -2.99 8.68 14.87
C ILE A 289 -4.39 9.29 14.73
N ALA A 290 -4.52 10.60 14.96
CA ALA A 290 -5.78 11.27 14.70
C ALA A 290 -6.20 11.09 13.24
N GLY A 291 -5.23 11.22 12.32
CA GLY A 291 -5.45 10.94 10.90
C GLY A 291 -5.92 9.52 10.64
N LYS A 292 -5.34 8.56 11.38
CA LYS A 292 -5.78 7.18 11.26
C LYS A 292 -7.24 7.05 11.66
N ALA A 293 -7.62 7.69 12.77
CA ALA A 293 -8.99 7.67 13.21
C ALA A 293 -9.91 8.21 12.12
N VAL A 294 -9.50 9.31 11.51
CA VAL A 294 -10.31 9.92 10.47
C VAL A 294 -10.45 8.96 9.27
N ALA A 295 -9.33 8.42 8.81
CA ALA A 295 -9.34 7.54 7.67
C ALA A 295 -10.19 6.29 7.93
N PHE A 296 -10.10 5.73 9.16
CA PHE A 296 -10.94 4.58 9.47
C PHE A 296 -12.41 4.97 9.48
N GLY A 297 -12.70 6.15 9.98
CA GLY A 297 -14.04 6.68 9.96
C GLY A 297 -14.57 6.84 8.54
N GLU A 298 -13.71 7.29 7.63
CA GLU A 298 -14.13 7.39 6.25
C GLU A 298 -14.39 6.03 5.66
N ALA A 299 -13.55 5.03 5.99
CA ALA A 299 -13.68 3.74 5.42
C ALA A 299 -14.92 2.99 5.93
N LEU A 300 -15.49 3.43 7.04
CA LEU A 300 -16.71 2.83 7.58
C LEU A 300 -17.95 3.33 6.80
N LYS A 301 -17.80 4.31 5.91
CA LYS A 301 -18.93 4.90 5.22
C LYS A 301 -19.16 4.26 3.86
N PRO A 302 -20.42 4.32 3.37
CA PRO A 302 -20.78 3.72 2.09
C PRO A 302 -19.94 4.22 0.90
N GLU A 303 -19.55 5.50 0.89
CA GLU A 303 -18.78 6.08 -0.18
C GLU A 303 -17.47 5.31 -0.38
N PHE A 304 -16.88 4.86 0.73
CA PHE A 304 -15.60 4.17 0.65
C PHE A 304 -15.79 2.78 0.08
N LYS A 305 -16.88 2.10 0.42
CA LYS A 305 -17.17 0.83 -0.16
C LYS A 305 -17.37 0.94 -1.67
N ALA A 306 -18.07 1.99 -2.12
CA ALA A 306 -18.25 2.20 -3.57
C ALA A 306 -16.90 2.51 -4.23
N TYR A 307 -16.09 3.32 -3.55
CA TYR A 307 -14.73 3.64 -4.01
C TYR A 307 -13.90 2.36 -4.24
N SER A 308 -13.88 1.46 -3.26
CA SER A 308 -13.12 0.23 -3.34
C SER A 308 -13.62 -0.64 -4.52
N GLY A 309 -14.94 -0.72 -4.72
CA GLY A 309 -15.53 -1.40 -5.88
C GLY A 309 -14.99 -0.81 -7.18
N GLN A 310 -14.92 0.52 -7.21
CA GLN A 310 -14.50 1.22 -8.41
C GLN A 310 -13.00 1.01 -8.64
N VAL A 311 -12.21 0.97 -7.58
CA VAL A 311 -10.76 0.66 -7.66
C VAL A 311 -10.56 -0.65 -8.42
N ILE A 312 -11.28 -1.68 -8.01
CA ILE A 312 -11.13 -2.98 -8.68
C ILE A 312 -11.60 -2.92 -10.14
N ALA A 313 -12.78 -2.33 -10.37
CA ALA A 313 -13.33 -2.25 -11.70
C ALA A 313 -12.35 -1.52 -12.63
N ASN A 314 -11.78 -0.42 -12.11
CA ASN A 314 -10.81 0.40 -12.86
C ASN A 314 -9.54 -0.38 -13.19
N ALA A 315 -9.04 -1.10 -12.19
CA ALA A 315 -7.83 -1.92 -12.43
C ALA A 315 -8.13 -3.00 -13.49
N GLN A 316 -9.30 -3.64 -13.39
CA GLN A 316 -9.69 -4.67 -14.35
C GLN A 316 -9.83 -4.05 -15.73
N ALA A 317 -10.39 -2.83 -15.80
CA ALA A 317 -10.58 -2.20 -17.13
C ALA A 317 -9.22 -1.85 -17.77
N MET A 318 -8.25 -1.39 -16.97
CA MET A 318 -6.97 -1.09 -17.48
C MET A 318 -6.26 -2.38 -17.94
N ALA A 319 -6.33 -3.44 -17.15
CA ALA A 319 -5.71 -4.68 -17.50
C ALA A 319 -6.32 -5.22 -18.80
N GLN A 320 -7.65 -5.13 -18.91
CA GLN A 320 -8.32 -5.71 -20.10
C GLN A 320 -7.91 -4.92 -21.35
N GLN A 321 -7.85 -3.58 -21.27
CA GLN A 321 -7.49 -2.81 -22.43
C GLN A 321 -6.03 -3.05 -22.79
N LEU A 322 -5.15 -3.22 -21.80
CA LEU A 322 -3.78 -3.55 -22.13
C LEU A 322 -3.73 -4.90 -22.84
N GLN A 323 -4.53 -5.87 -22.39
CA GLN A 323 -4.59 -7.15 -23.09
C GLN A 323 -5.04 -6.94 -24.53
N ASN A 324 -6.04 -6.10 -24.74
CA ASN A 324 -6.56 -5.83 -26.05
C ASN A 324 -5.47 -5.19 -26.93
N ARG A 325 -4.50 -4.52 -26.33
CA ARG A 325 -3.40 -3.91 -27.03
C ARG A 325 -2.21 -4.87 -27.12
N GLY A 326 -2.40 -6.14 -26.78
CA GLY A 326 -1.36 -7.14 -27.03
C GLY A 326 -0.44 -7.39 -25.86
N PHE A 327 -0.69 -6.77 -24.67
CA PHE A 327 0.21 -7.02 -23.54
C PHE A 327 -0.27 -8.24 -22.74
N LYS A 328 0.70 -8.94 -22.18
CA LYS A 328 0.47 -9.99 -21.19
C LYS A 328 0.34 -9.36 -19.80
N ILE A 329 -0.72 -9.71 -19.08
CA ILE A 329 -0.92 -9.38 -17.67
C ILE A 329 -0.60 -10.65 -16.87
N VAL A 330 0.32 -10.54 -15.93
CA VAL A 330 0.73 -11.71 -15.13
C VAL A 330 -0.49 -12.27 -14.41
N SER A 331 -0.68 -13.59 -14.54
CA SER A 331 -1.79 -14.35 -14.01
C SER A 331 -3.04 -14.22 -14.86
N GLY A 332 -3.02 -13.40 -15.91
CA GLY A 332 -4.10 -13.26 -16.85
C GLY A 332 -5.09 -12.16 -16.51
N GLY A 333 -4.85 -11.42 -15.41
CA GLY A 333 -5.80 -10.40 -15.00
C GLY A 333 -5.58 -10.03 -13.54
N THR A 334 -6.59 -9.40 -12.93
CA THR A 334 -6.50 -8.99 -11.52
C THR A 334 -7.85 -9.11 -10.86
N ASP A 335 -7.77 -9.41 -9.55
CA ASP A 335 -8.87 -9.42 -8.68
C ASP A 335 -8.83 -8.21 -7.72
N ASN A 336 -7.79 -7.38 -7.81
CA ASN A 336 -7.63 -6.30 -6.82
C ASN A 336 -7.30 -4.98 -7.54
N HIS A 337 -6.47 -4.16 -6.90
CA HIS A 337 -6.18 -2.79 -7.33
C HIS A 337 -4.99 -2.73 -8.30
N LEU A 338 -4.27 -3.84 -8.50
CA LEU A 338 -3.01 -3.74 -9.20
C LEU A 338 -2.90 -4.82 -10.29
N MET A 339 -1.88 -4.63 -11.11
CA MET A 339 -1.53 -5.65 -12.14
C MET A 339 -0.06 -5.52 -12.46
N LEU A 340 0.52 -6.59 -13.00
CA LEU A 340 1.88 -6.58 -13.48
C LEU A 340 1.81 -6.81 -14.98
N VAL A 341 2.39 -5.91 -15.75
CA VAL A 341 2.41 -5.98 -17.19
C VAL A 341 3.74 -6.59 -17.60
N ASP A 342 3.69 -7.70 -18.30
CA ASP A 342 4.89 -8.32 -18.85
C ASP A 342 5.19 -7.59 -20.15
N LEU A 343 6.44 -7.17 -20.30
CA LEU A 343 6.77 -6.25 -21.40
C LEU A 343 7.44 -6.95 -22.60
N ARG A 344 7.35 -8.27 -22.68
CA ARG A 344 8.00 -8.96 -23.82
C ARG A 344 7.39 -8.53 -25.16
N SER A 345 6.08 -8.25 -25.22
CA SER A 345 5.39 -7.92 -26.45
C SER A 345 5.98 -6.64 -27.07
N VAL A 346 6.63 -5.81 -26.26
CA VAL A 346 7.18 -4.58 -26.79
C VAL A 346 8.70 -4.56 -26.70
N ASN A 347 9.31 -5.68 -26.33
CA ASN A 347 10.77 -5.79 -26.31
CA ASN A 347 10.77 -5.80 -26.29
C ASN A 347 11.40 -4.68 -25.44
N LEU A 348 10.87 -4.47 -24.24
CA LEU A 348 11.40 -3.47 -23.34
C LEU A 348 11.62 -4.11 -21.99
N THR A 349 12.57 -3.56 -21.23
CA THR A 349 12.76 -3.94 -19.83
C THR A 349 11.80 -3.08 -18.99
N GLY A 350 11.50 -3.53 -17.79
CA GLY A 350 10.72 -2.70 -16.84
C GLY A 350 11.33 -1.34 -16.65
N LYS A 351 12.65 -1.30 -16.52
CA LYS A 351 13.34 -0.06 -16.31
C LYS A 351 13.12 0.89 -17.49
N GLN A 352 13.26 0.38 -18.71
CA GLN A 352 13.05 1.20 -19.88
C GLN A 352 11.58 1.67 -19.92
N ALA A 353 10.64 0.76 -19.63
CA ALA A 353 9.21 1.10 -19.76
C ALA A 353 8.86 2.18 -18.71
N ASP A 354 9.42 2.01 -17.50
CA ASP A 354 9.16 2.96 -16.42
C ASP A 354 9.61 4.36 -16.84
N GLN A 355 10.80 4.46 -17.41
CA GLN A 355 11.34 5.75 -17.88
C GLN A 355 10.44 6.29 -19.00
N LEU A 356 10.07 5.44 -19.96
CA LEU A 356 9.28 5.91 -21.09
C LEU A 356 7.93 6.48 -20.62
N VAL A 357 7.26 5.86 -19.64
CA VAL A 357 5.99 6.42 -19.20
C VAL A 357 6.22 7.65 -18.31
N SER A 358 7.32 7.69 -17.52
CA SER A 358 7.65 8.89 -16.76
CA SER A 358 7.70 8.87 -16.77
C SER A 358 7.79 10.09 -17.69
N ASP A 359 8.37 9.87 -18.87
CA ASP A 359 8.61 10.93 -19.84
C ASP A 359 7.29 11.49 -20.40
N VAL A 360 6.15 10.83 -20.20
CA VAL A 360 4.87 11.38 -20.61
C VAL A 360 3.97 11.64 -19.40
N ASN A 361 4.60 11.86 -18.26
CA ASN A 361 3.92 12.34 -17.04
C ASN A 361 3.03 11.26 -16.44
N ILE A 362 3.50 10.00 -16.50
CA ILE A 362 2.83 8.88 -15.86
C ILE A 362 3.83 8.27 -14.88
N THR A 363 3.41 8.07 -13.62
CA THR A 363 4.28 7.44 -12.67
C THR A 363 3.82 6.02 -12.45
N ALA A 364 4.76 5.10 -12.57
CA ALA A 364 4.52 3.65 -12.32
C ALA A 364 5.79 3.11 -11.67
N ASN A 365 5.95 1.80 -11.62
CA ASN A 365 7.27 1.32 -11.30
C ASN A 365 7.54 -0.03 -11.94
N LYS A 366 8.83 -0.27 -12.16
CA LYS A 366 9.28 -1.51 -12.72
C LYS A 366 9.08 -2.59 -11.66
N ASN A 367 8.94 -3.83 -12.10
CA ASN A 367 8.71 -4.90 -11.19
C ASN A 367 9.11 -6.20 -11.87
N THR A 368 9.80 -7.09 -11.13
CA THR A 368 10.12 -8.41 -11.67
C THR A 368 8.80 -9.09 -11.90
N VAL A 369 8.73 -9.86 -12.98
CA VAL A 369 7.66 -10.77 -13.15
C VAL A 369 8.08 -12.09 -12.50
N PRO A 370 7.13 -13.01 -12.26
CA PRO A 370 7.49 -14.36 -11.83
C PRO A 370 8.42 -15.02 -12.87
N PHE A 371 9.52 -15.59 -12.38
CA PHE A 371 10.46 -16.35 -13.24
C PHE A 371 11.10 -15.39 -14.25
N ASP A 372 11.33 -14.13 -13.82
CA ASP A 372 11.88 -13.09 -14.71
C ASP A 372 13.29 -13.51 -15.14
N PRO A 373 13.66 -13.41 -16.42
CA PRO A 373 15.04 -13.64 -16.82
C PRO A 373 15.98 -12.44 -16.59
N GLU A 374 15.43 -11.25 -16.28
CA GLU A 374 16.24 -10.08 -16.00
C GLU A 374 16.50 -9.98 -14.50
N SER A 375 17.53 -9.22 -14.15
CA SER A 375 17.83 -8.89 -12.77
C SER A 375 16.70 -8.05 -12.16
N PRO A 376 16.57 -8.00 -10.82
CA PRO A 376 15.71 -7.02 -10.15
C PRO A 376 16.04 -5.54 -10.47
N PHE A 377 17.25 -5.27 -10.96
CA PHE A 377 17.66 -3.91 -11.26
C PHE A 377 17.09 -3.51 -12.65
N VAL A 378 16.65 -4.50 -13.42
CA VAL A 378 16.25 -4.30 -14.83
C VAL A 378 14.76 -4.63 -14.97
N THR A 379 14.42 -5.89 -14.67
CA THR A 379 13.09 -6.50 -14.68
C THR A 379 12.48 -6.54 -16.08
N SER A 380 11.39 -7.33 -16.19
CA SER A 380 10.63 -7.46 -17.43
C SER A 380 9.17 -6.97 -17.24
N GLY A 381 8.90 -6.24 -16.14
CA GLY A 381 7.52 -5.88 -15.81
C GLY A 381 7.36 -4.42 -15.42
N LEU A 382 6.10 -4.00 -15.53
CA LEU A 382 5.64 -2.72 -15.03
C LEU A 382 4.44 -2.98 -14.11
N ARG A 383 4.52 -2.45 -12.89
CA ARG A 383 3.40 -2.59 -11.94
C ARG A 383 2.57 -1.33 -12.04
N LEU A 384 1.27 -1.51 -12.22
CA LEU A 384 0.30 -0.42 -12.33
C LEU A 384 -0.81 -0.66 -11.31
N GLY A 385 -1.36 0.42 -10.75
CA GLY A 385 -2.52 0.33 -9.90
C GLY A 385 -3.48 1.49 -10.09
N SER A 386 -4.73 1.24 -9.72
CA SER A 386 -5.85 2.17 -9.88
C SER A 386 -6.16 3.07 -8.67
N PRO A 387 -5.71 2.83 -7.41
CA PRO A 387 -6.27 3.60 -6.29
C PRO A 387 -6.24 5.12 -6.43
N ALA A 388 -5.08 5.64 -6.81
CA ALA A 388 -4.86 7.13 -6.74
C ALA A 388 -5.77 7.81 -7.75
N MET A 389 -5.77 7.33 -8.99
CA MET A 389 -6.57 8.05 -9.98
C MET A 389 -8.06 7.72 -9.78
N THR A 390 -8.40 6.59 -9.13
CA THR A 390 -9.76 6.34 -8.77
C THR A 390 -10.25 7.39 -7.74
N THR A 391 -9.37 7.76 -6.82
CA THR A 391 -9.72 8.77 -5.81
C THR A 391 -10.05 10.09 -6.52
N ARG A 392 -9.37 10.37 -7.62
CA ARG A 392 -9.65 11.61 -8.37
C ARG A 392 -10.93 11.53 -9.22
N GLY A 393 -11.58 10.35 -9.27
CA GLY A 393 -12.92 10.24 -9.87
C GLY A 393 -12.96 9.55 -11.22
N LEU A 394 -11.84 9.04 -11.70
CA LEU A 394 -11.80 8.37 -12.97
C LEU A 394 -12.66 7.10 -12.91
N GLY A 395 -13.28 6.80 -14.06
CA GLY A 395 -14.09 5.60 -14.25
C GLY A 395 -13.41 4.61 -15.19
N THR A 396 -14.14 3.53 -15.54
CA THR A 396 -13.53 2.46 -16.24
C THR A 396 -13.10 2.88 -17.66
N GLU A 397 -13.87 3.73 -18.33
CA GLU A 397 -13.48 4.12 -19.66
C GLU A 397 -12.28 5.07 -19.60
N ASP A 398 -12.13 5.83 -18.51
CA ASP A 398 -10.97 6.67 -18.34
C ASP A 398 -9.74 5.79 -18.14
N PHE A 399 -9.89 4.66 -17.41
CA PHE A 399 -8.79 3.76 -17.26
C PHE A 399 -8.46 2.99 -18.54
N ALA A 400 -9.45 2.75 -19.42
CA ALA A 400 -9.15 2.14 -20.72
C ALA A 400 -8.33 3.15 -21.54
N GLU A 401 -8.67 4.44 -21.42
CA GLU A 401 -7.84 5.52 -22.06
C GLU A 401 -6.40 5.49 -21.54
N ILE A 402 -6.24 5.37 -20.21
CA ILE A 402 -4.91 5.24 -19.65
C ILE A 402 -4.16 4.05 -20.27
N ALA A 403 -4.80 2.89 -20.30
CA ALA A 403 -4.20 1.73 -20.94
C ALA A 403 -3.72 2.08 -22.36
N ASN A 404 -4.57 2.79 -23.12
CA ASN A 404 -4.21 3.11 -24.50
C ASN A 404 -3.03 4.06 -24.56
N ILE A 405 -2.96 5.04 -23.65
CA ILE A 405 -1.83 5.96 -23.64
C ILE A 405 -0.55 5.18 -23.38
N ILE A 406 -0.57 4.30 -22.37
CA ILE A 406 0.60 3.53 -22.08
C ILE A 406 0.98 2.63 -23.28
N ALA A 407 0.00 1.97 -23.88
CA ALA A 407 0.30 1.05 -24.98
C ALA A 407 0.92 1.84 -26.15
N ASP A 408 0.34 2.99 -26.47
CA ASP A 408 0.84 3.87 -27.52
C ASP A 408 2.32 4.19 -27.26
N ARG A 409 2.64 4.66 -26.05
CA ARG A 409 3.99 5.06 -25.70
C ARG A 409 4.94 3.87 -25.83
N LEU A 410 4.55 2.70 -25.28
CA LEU A 410 5.50 1.61 -25.20
C LEU A 410 5.68 0.92 -26.55
N GLN A 411 4.64 0.94 -27.39
CA GLN A 411 4.73 0.34 -28.71
C GLN A 411 5.51 1.22 -29.69
N ASN A 412 5.58 2.53 -29.44
CA ASN A 412 6.24 3.47 -30.34
C ASN A 412 7.19 4.35 -29.56
N PRO A 413 8.21 3.77 -28.88
CA PRO A 413 9.01 4.54 -27.95
C PRO A 413 9.91 5.62 -28.59
N GLU A 414 10.19 5.50 -29.89
CA GLU A 414 11.04 6.52 -30.57
C GLU A 414 10.22 7.58 -31.29
N ASP A 415 8.89 7.51 -31.19
CA ASP A 415 8.05 8.39 -32.02
C ASP A 415 7.68 9.63 -31.19
N GLU A 416 8.22 10.77 -31.60
CA GLU A 416 8.04 12.00 -30.89
C GLU A 416 6.59 12.49 -30.96
N GLN A 417 5.88 12.22 -32.06
CA GLN A 417 4.48 12.67 -32.19
C GLN A 417 3.58 11.84 -31.25
N VAL A 418 3.86 10.55 -31.16
CA VAL A 418 3.15 9.72 -30.15
C VAL A 418 3.44 10.24 -28.74
N LYS A 419 4.71 10.53 -28.46
CA LYS A 419 5.10 11.06 -27.18
C LYS A 419 4.26 12.28 -26.81
N GLN A 420 4.16 13.26 -27.70
CA GLN A 420 3.40 14.45 -27.40
C GLN A 420 1.90 14.18 -27.29
N ALA A 421 1.37 13.26 -28.10
CA ALA A 421 -0.03 12.87 -28.00
C ALA A 421 -0.30 12.30 -26.61
N CYS A 422 0.64 11.51 -26.12
CA CYS A 422 0.52 10.92 -24.78
C CYS A 422 0.53 12.02 -23.70
N VAL A 423 1.45 12.98 -23.81
CA VAL A 423 1.55 14.11 -22.93
C VAL A 423 0.21 14.84 -22.91
N GLN A 424 -0.32 15.12 -24.10
CA GLN A 424 -1.58 15.85 -24.22
C GLN A 424 -2.77 15.10 -23.61
N ARG A 425 -2.82 13.80 -23.82
CA ARG A 425 -3.91 12.98 -23.33
C ARG A 425 -3.83 12.82 -21.81
N VAL A 426 -2.60 12.80 -21.28
CA VAL A 426 -2.40 12.87 -19.83
C VAL A 426 -2.92 14.19 -19.25
N ALA A 427 -2.57 15.29 -19.91
CA ALA A 427 -3.00 16.58 -19.45
C ALA A 427 -4.53 16.69 -19.45
N ALA A 428 -5.18 16.17 -20.49
CA ALA A 428 -6.64 16.20 -20.54
C ALA A 428 -7.26 15.42 -19.38
N LEU A 429 -6.72 14.24 -19.07
CA LEU A 429 -7.25 13.50 -17.92
C LEU A 429 -7.09 14.32 -16.63
N CYS A 430 -5.90 14.90 -16.41
CA CYS A 430 -5.66 15.68 -15.20
C CYS A 430 -6.58 16.91 -15.10
N GLU A 431 -6.87 17.54 -16.23
CA GLU A 431 -7.75 18.68 -16.26
C GLU A 431 -9.18 18.27 -15.91
N ARG A 432 -9.62 17.11 -16.39
CA ARG A 432 -11.00 16.65 -16.19
C ARG A 432 -11.27 16.26 -14.73
N PHE A 433 -10.20 15.84 -14.02
CA PHE A 433 -10.35 15.30 -12.65
C PHE A 433 -9.46 16.05 -11.67
N PRO A 434 -9.88 17.25 -11.24
CA PRO A 434 -9.05 18.08 -10.35
C PRO A 434 -8.73 17.35 -9.04
N LEU A 435 -7.56 17.71 -8.47
CA LEU A 435 -7.10 17.19 -7.20
C LEU A 435 -7.02 18.34 -6.20
N TYR A 436 -7.70 18.16 -5.05
CA TYR A 436 -7.75 19.11 -3.96
C TYR A 436 -8.04 20.54 -4.46
N PRO A 437 -9.09 20.75 -5.20
CA PRO A 437 -9.22 22.05 -5.91
C PRO A 437 -9.36 23.28 -4.99
N HIS A 438 -9.66 23.08 -3.70
CA HIS A 438 -9.71 24.19 -2.71
C HIS A 438 -8.30 24.70 -2.35
N LEU A 439 -7.25 23.92 -2.60
CA LEU A 439 -5.89 24.35 -2.23
C LEU A 439 -5.22 25.13 -3.39
N ASN A 440 -4.62 26.29 -3.11
CA ASN A 440 -3.79 27.03 -4.13
C ASN A 440 -4.47 26.95 -5.51
N ALA A 441 -5.72 27.42 -5.57
CA ALA A 441 -6.51 27.34 -6.81
C ALA A 441 -5.85 28.25 -7.86
N PRO A 442 -5.83 27.88 -9.18
CA PRO A 442 -5.19 28.73 -10.19
C PRO A 442 -5.99 30.03 -10.34
N VAL A 443 -5.36 31.06 -10.92
CA VAL A 443 -6.05 32.31 -11.25
C VAL A 443 -7.15 31.98 -12.25
N PRO A 444 -8.44 32.34 -11.99
CA PRO A 444 -9.52 32.16 -12.97
C PRO A 444 -9.13 32.66 -14.37
N ALA A 445 -9.56 31.92 -15.41
CA ALA A 445 -9.26 32.25 -16.84
C ALA A 445 -9.79 33.65 -17.19
N MET A 446 -10.98 33.98 -16.68
CA MET A 446 -11.63 35.28 -16.87
C MET A 446 -10.96 36.34 -15.96
#